data_6W6D
#
_entry.id   6W6D
#
_cell.length_a   94.603
_cell.length_b   94.603
_cell.length_c   108.094
_cell.angle_alpha   90.000
_cell.angle_beta   90.000
_cell.angle_gamma   90.000
#
_symmetry.space_group_name_H-M   'I 41'
#
loop_
_entity.id
_entity.type
_entity.pdbx_description
1 polymer 'Protein arginine N-methyltransferase 6'
2 non-polymer S-ADENOSYL-L-HOMOCYSTEINE
3 non-polymer (5R)-4-(5-bromothiophene-2-carbonyl)-5-(3,5-dimethylphenyl)-7-methyl-1,3,4,5-tetrahydro-2H-1,4-benzodiazepin-2-one
4 water water
#
_entity_poly.entity_id   1
_entity_poly.type   'polypeptide(L)'
_entity_poly.pdbx_seq_one_letter_code
;GMSQPKKRKLESGGGGEGGEGTEEEDGAEREAALERPRRTKRERDQLYYECYSDVSVHEEMIADRVRTDAYRLGILRNWA
ALRGKTVLDVGAGTGILSIFCAQAGARRVYAVEASAIWQQAREVVRFNGLEDRVHVLPGPVETVELPEQVDAIVSEWMGY
GLLHESMLSSVLHARTKWLKEGGLLLPASAELFIVPISDQMLEWRLGFWSQVKQHYGVDMSCLEGFATRCLMGHSEIVVQ
GLSGEDVLARPQRFAQLELSRAGLEQELEAGVGGRFRCSCYGSAPMHGFAIWFQVTFPGGESEKPLVLSTSPFHPATHWK
QALLYLNEPVQVEQDTDVSGEITLLPSRDNPRRLRVLLRYKVGDQEEKTKDFAMED
;
_entity_poly.pdbx_strand_id   A
#
# COMPACT_ATOMS: atom_id res chain seq x y z
N LEU A 47 -5.20 -26.70 17.02
CA LEU A 47 -6.09 -25.83 16.19
C LEU A 47 -7.31 -25.44 17.03
N TYR A 48 -7.52 -24.13 17.24
CA TYR A 48 -8.74 -23.55 17.85
C TYR A 48 -9.65 -23.03 16.72
N TYR A 49 -9.04 -22.29 15.79
CA TYR A 49 -9.72 -21.52 14.69
C TYR A 49 -9.10 -21.89 13.35
N GLU A 50 -9.91 -21.96 12.28
CA GLU A 50 -9.43 -22.11 10.87
C GLU A 50 -8.54 -20.90 10.53
N CYS A 51 -7.23 -21.13 10.35
CA CYS A 51 -6.19 -20.09 10.11
C CYS A 51 -5.44 -20.35 8.79
N TYR A 52 -6.07 -21.00 7.80
CA TYR A 52 -5.54 -21.21 6.42
C TYR A 52 -5.27 -19.85 5.74
N SER A 53 -6.25 -18.93 5.81
CA SER A 53 -6.17 -17.52 5.33
C SER A 53 -5.25 -16.71 6.25
N ASP A 54 -5.20 -17.01 7.55
CA ASP A 54 -4.26 -16.43 8.54
C ASP A 54 -2.81 -16.51 8.01
N VAL A 55 -2.23 -17.71 7.96
CA VAL A 55 -0.76 -17.90 7.75
C VAL A 55 -0.40 -17.39 6.35
N SER A 56 -1.35 -17.46 5.42
CA SER A 56 -1.17 -17.03 4.02
C SER A 56 -0.74 -15.55 3.98
N VAL A 57 -1.33 -14.68 4.81
CA VAL A 57 -1.00 -13.23 4.83
C VAL A 57 0.40 -13.04 5.47
N HIS A 58 0.74 -13.78 6.54
CA HIS A 58 2.04 -13.63 7.25
C HIS A 58 3.14 -14.22 6.38
N GLU A 59 2.86 -15.33 5.71
CA GLU A 59 3.71 -15.98 4.69
C GLU A 59 4.04 -15.01 3.57
N GLU A 60 3.02 -14.35 3.02
CA GLU A 60 3.12 -13.40 1.89
C GLU A 60 4.10 -12.28 2.27
N MET A 61 4.02 -11.80 3.50
CA MET A 61 4.83 -10.66 3.99
C MET A 61 6.30 -11.08 4.15
N ILE A 62 6.55 -12.19 4.82
CA ILE A 62 7.94 -12.67 5.10
C ILE A 62 8.58 -13.19 3.81
N ALA A 63 7.79 -13.68 2.86
CA ALA A 63 8.25 -14.15 1.53
C ALA A 63 8.64 -12.96 0.65
N ASP A 64 8.14 -11.78 0.96
CA ASP A 64 8.44 -10.55 0.20
C ASP A 64 9.81 -10.00 0.66
N ARG A 65 10.85 -10.23 -0.14
CA ARG A 65 12.25 -9.87 0.21
C ARG A 65 12.41 -8.35 0.08
N VAL A 66 11.67 -7.72 -0.82
CA VAL A 66 11.75 -6.24 -0.98
C VAL A 66 11.21 -5.64 0.31
N ARG A 67 10.01 -6.03 0.74
CA ARG A 67 9.40 -5.51 1.99
C ARG A 67 10.35 -5.78 3.17
N THR A 68 10.81 -7.01 3.30
CA THR A 68 11.55 -7.45 4.51
C THR A 68 12.94 -6.81 4.56
N ASP A 69 13.66 -6.76 3.44
CA ASP A 69 14.99 -6.10 3.38
C ASP A 69 14.87 -4.59 3.60
N ALA A 70 13.85 -3.94 3.04
CA ALA A 70 13.63 -2.49 3.24
C ALA A 70 13.48 -2.21 4.72
N TYR A 71 12.69 -2.99 5.47
CA TYR A 71 12.47 -2.71 6.92
C TYR A 71 13.75 -3.09 7.69
N ARG A 72 14.38 -4.19 7.32
CA ARG A 72 15.67 -4.66 7.91
C ARG A 72 16.74 -3.55 7.82
N LEU A 73 17.06 -3.14 6.59
CA LEU A 73 18.13 -2.16 6.28
C LEU A 73 17.67 -0.78 6.75
N GLY A 74 16.39 -0.47 6.60
CA GLY A 74 15.82 0.84 6.99
C GLY A 74 15.95 1.09 8.47
N ILE A 75 15.72 0.06 9.29
CA ILE A 75 15.80 0.14 10.78
C ILE A 75 17.29 0.13 11.20
N LEU A 76 18.12 -0.74 10.63
CA LEU A 76 19.56 -0.84 10.99
C LEU A 76 20.28 0.47 10.68
N ARG A 77 19.92 1.15 9.58
CA ARG A 77 20.58 2.42 9.20
C ARG A 77 20.27 3.48 10.27
N ASN A 78 19.25 3.28 11.12
CA ASN A 78 18.88 4.22 12.21
C ASN A 78 19.46 3.76 13.54
N TRP A 79 20.46 2.89 13.55
CA TRP A 79 21.00 2.33 14.81
C TRP A 79 21.40 3.45 15.78
N ALA A 80 22.07 4.49 15.29
CA ALA A 80 22.57 5.58 16.16
C ALA A 80 21.36 6.25 16.85
N ALA A 81 20.21 6.35 16.18
CA ALA A 81 18.97 6.99 16.73
C ALA A 81 18.19 6.03 17.64
N LEU A 82 18.44 4.71 17.57
CA LEU A 82 17.60 3.69 18.28
C LEU A 82 18.35 3.09 19.47
N ARG A 83 19.69 3.07 19.43
CA ARG A 83 20.55 2.39 20.43
C ARG A 83 20.22 2.95 21.82
N GLY A 84 19.75 2.13 22.75
CA GLY A 84 19.41 2.54 24.12
C GLY A 84 18.08 3.29 24.22
N LYS A 85 17.26 3.30 23.16
CA LYS A 85 15.97 4.02 23.14
C LYS A 85 14.78 3.05 23.18
N THR A 86 13.57 3.59 23.24
CA THR A 86 12.33 2.79 23.35
C THR A 86 11.54 2.94 22.05
N VAL A 87 10.92 1.86 21.62
CA VAL A 87 10.15 1.76 20.35
C VAL A 87 8.78 1.15 20.66
N LEU A 88 7.73 1.71 20.06
CA LEU A 88 6.38 1.06 19.95
C LEU A 88 6.25 0.47 18.54
N ASP A 89 6.01 -0.85 18.41
CA ASP A 89 5.69 -1.54 17.13
C ASP A 89 4.18 -1.70 17.07
N VAL A 90 3.54 -0.91 16.22
CA VAL A 90 2.05 -0.88 16.13
C VAL A 90 1.63 -1.97 15.16
N GLY A 91 0.98 -3.02 15.68
CA GLY A 91 0.53 -4.17 14.88
C GLY A 91 1.67 -5.10 14.56
N ALA A 92 2.23 -5.71 15.59
CA ALA A 92 3.52 -6.40 15.57
C ALA A 92 3.43 -7.71 14.78
N GLY A 93 2.23 -8.28 14.58
CA GLY A 93 2.06 -9.53 13.82
C GLY A 93 2.95 -10.65 14.36
N THR A 94 3.83 -11.24 13.56
CA THR A 94 4.71 -12.34 14.07
C THR A 94 5.97 -11.78 14.74
N GLY A 95 6.15 -10.44 14.74
CA GLY A 95 7.13 -9.74 15.60
C GLY A 95 8.46 -9.43 14.93
N ILE A 96 8.63 -9.64 13.61
CA ILE A 96 9.97 -9.48 12.97
C ILE A 96 10.45 -8.03 13.06
N LEU A 97 9.59 -7.03 12.90
CA LEU A 97 9.97 -5.59 12.95
C LEU A 97 10.44 -5.19 14.36
N SER A 98 9.80 -5.75 15.39
CA SER A 98 10.18 -5.56 16.83
C SER A 98 11.58 -6.13 17.08
N ILE A 99 11.89 -7.31 16.53
CA ILE A 99 13.22 -7.95 16.67
C ILE A 99 14.28 -7.17 15.88
N PHE A 100 13.97 -6.69 14.67
CA PHE A 100 14.89 -5.80 13.91
C PHE A 100 15.25 -4.57 14.77
N CYS A 101 14.28 -3.96 15.45
CA CYS A 101 14.49 -2.79 16.35
C CYS A 101 15.44 -3.17 17.51
N ALA A 102 15.30 -4.37 18.09
CA ALA A 102 16.20 -4.90 19.14
C ALA A 102 17.61 -5.09 18.56
N GLN A 103 17.72 -5.64 17.37
CA GLN A 103 19.03 -5.90 16.75
C GLN A 103 19.71 -4.55 16.49
N ALA A 104 18.93 -3.51 16.17
CA ALA A 104 19.44 -2.14 15.94
C ALA A 104 19.84 -1.46 17.25
N GLY A 105 19.51 -2.05 18.40
CA GLY A 105 20.09 -1.64 19.69
C GLY A 105 19.05 -1.06 20.63
N ALA A 106 17.76 -1.10 20.28
CA ALA A 106 16.70 -0.57 21.16
C ALA A 106 16.80 -1.22 22.55
N ARG A 107 16.65 -0.42 23.60
N ARG A 107 16.62 -0.41 23.59
CA ARG A 107 16.61 -0.86 25.03
CA ARG A 107 16.61 -0.82 25.03
C ARG A 107 15.31 -1.62 25.28
C ARG A 107 15.31 -1.58 25.31
N ARG A 108 14.19 -1.06 24.84
CA ARG A 108 12.85 -1.64 25.07
C ARG A 108 12.00 -1.48 23.80
N VAL A 109 11.35 -2.56 23.36
CA VAL A 109 10.34 -2.55 22.27
C VAL A 109 9.00 -3.05 22.83
N TYR A 110 7.97 -2.22 22.74
CA TYR A 110 6.56 -2.58 23.00
C TYR A 110 5.95 -3.02 21.67
N ALA A 111 5.73 -4.32 21.52
CA ALA A 111 5.15 -4.96 20.31
C ALA A 111 3.67 -5.19 20.59
N VAL A 112 2.80 -4.35 20.04
CA VAL A 112 1.34 -4.33 20.33
C VAL A 112 0.59 -5.00 19.19
N GLU A 113 -0.17 -6.06 19.49
CA GLU A 113 -0.88 -6.85 18.45
C GLU A 113 -2.29 -7.13 18.95
N ALA A 114 -3.32 -6.64 18.23
CA ALA A 114 -4.75 -6.66 18.62
C ALA A 114 -5.33 -8.07 18.60
N SER A 115 -4.92 -8.90 17.64
CA SER A 115 -5.55 -10.20 17.32
C SER A 115 -4.70 -11.39 17.80
N ALA A 116 -5.11 -12.61 17.41
CA ALA A 116 -4.67 -13.91 17.98
C ALA A 116 -3.22 -14.17 17.66
N ILE A 117 -2.70 -13.63 16.55
CA ILE A 117 -1.28 -13.80 16.15
C ILE A 117 -0.32 -13.25 17.23
N TRP A 118 -0.82 -12.49 18.20
N TRP A 118 -0.83 -12.47 18.18
CA TRP A 118 -0.03 -12.04 19.37
CA TRP A 118 -0.14 -12.05 19.43
C TRP A 118 0.67 -13.25 20.02
C TRP A 118 0.63 -13.24 20.01
N GLN A 119 -0.04 -14.39 20.10
CA GLN A 119 0.51 -15.66 20.69
C GLN A 119 1.80 -16.08 20.00
N GLN A 120 1.81 -16.06 18.66
CA GLN A 120 2.98 -16.39 17.82
C GLN A 120 4.09 -15.35 18.02
N ALA A 121 3.77 -14.06 18.12
CA ALA A 121 4.79 -13.01 18.35
C ALA A 121 5.48 -13.27 19.69
N ARG A 122 4.69 -13.55 20.75
CA ARG A 122 5.16 -13.95 22.11
C ARG A 122 6.19 -15.08 21.97
N GLU A 123 5.82 -16.13 21.23
CA GLU A 123 6.66 -17.33 21.01
C GLU A 123 7.93 -16.94 20.26
N VAL A 124 7.85 -16.17 19.17
CA VAL A 124 9.05 -15.83 18.35
C VAL A 124 10.03 -15.04 19.23
N VAL A 125 9.50 -14.12 20.03
CA VAL A 125 10.37 -13.24 20.89
C VAL A 125 11.11 -14.14 21.89
N ARG A 126 10.36 -14.93 22.68
CA ARG A 126 10.92 -15.89 23.67
C ARG A 126 11.99 -16.75 22.98
N PHE A 127 11.67 -17.30 21.81
CA PHE A 127 12.55 -18.27 21.10
C PHE A 127 13.85 -17.61 20.64
N ASN A 128 13.87 -16.27 20.48
CA ASN A 128 15.09 -15.53 20.08
C ASN A 128 15.79 -14.94 21.32
N GLY A 129 15.30 -15.25 22.53
CA GLY A 129 15.88 -14.85 23.82
C GLY A 129 15.78 -13.35 24.08
N LEU A 130 14.72 -12.69 23.60
CA LEU A 130 14.57 -11.21 23.66
C LEU A 130 13.42 -10.79 24.55
N GLU A 131 12.86 -11.67 25.39
CA GLU A 131 11.65 -11.34 26.21
C GLU A 131 11.97 -10.26 27.27
N ASP A 132 13.23 -10.06 27.64
CA ASP A 132 13.67 -8.96 28.55
C ASP A 132 13.58 -7.60 27.81
N ARG A 133 13.74 -7.59 26.49
CA ARG A 133 13.91 -6.34 25.70
C ARG A 133 12.64 -6.05 24.90
N VAL A 134 11.95 -7.09 24.43
CA VAL A 134 10.73 -6.94 23.60
C VAL A 134 9.53 -7.49 24.36
N HIS A 135 8.62 -6.61 24.74
CA HIS A 135 7.36 -6.94 25.45
C HIS A 135 6.19 -6.98 24.47
N VAL A 136 5.69 -8.18 24.19
CA VAL A 136 4.52 -8.38 23.29
C VAL A 136 3.24 -8.15 24.08
N LEU A 137 2.49 -7.09 23.76
CA LEU A 137 1.27 -6.68 24.50
C LEU A 137 0.03 -6.96 23.66
N PRO A 138 -0.98 -7.63 24.25
CA PRO A 138 -2.20 -7.97 23.54
C PRO A 138 -3.14 -6.78 23.44
N GLY A 139 -3.88 -6.70 22.34
CA GLY A 139 -5.02 -5.79 22.22
C GLY A 139 -4.68 -4.54 21.41
N PRO A 140 -5.71 -3.74 21.12
CA PRO A 140 -5.60 -2.58 20.24
C PRO A 140 -4.66 -1.53 20.85
N VAL A 141 -3.91 -0.85 19.99
CA VAL A 141 -2.96 0.20 20.44
C VAL A 141 -3.76 1.34 21.07
N GLU A 142 -5.01 1.54 20.69
CA GLU A 142 -5.81 2.70 21.20
C GLU A 142 -6.03 2.58 22.71
N THR A 143 -5.97 1.38 23.29
CA THR A 143 -6.25 1.14 24.73
C THR A 143 -5.02 0.58 25.45
N VAL A 144 -3.91 0.26 24.76
CA VAL A 144 -2.68 -0.25 25.43
C VAL A 144 -2.21 0.82 26.44
N GLU A 145 -1.63 0.38 27.55
CA GLU A 145 -0.99 1.25 28.56
C GLU A 145 0.49 0.96 28.56
N LEU A 146 1.32 1.92 28.17
CA LEU A 146 2.79 1.77 28.29
C LEU A 146 3.20 2.51 29.56
N PRO A 147 4.35 2.16 30.17
CA PRO A 147 4.84 2.88 31.35
C PRO A 147 5.50 4.23 31.03
N GLU A 148 5.76 4.52 29.75
CA GLU A 148 6.57 5.70 29.31
C GLU A 148 6.17 6.08 27.88
N GLN A 149 6.39 7.33 27.49
CA GLN A 149 6.36 7.75 26.07
C GLN A 149 7.58 7.12 25.37
N VAL A 150 7.49 6.90 24.06
CA VAL A 150 8.54 6.16 23.31
C VAL A 150 9.30 7.14 22.42
N ASP A 151 10.51 6.74 22.04
CA ASP A 151 11.46 7.50 21.19
C ASP A 151 11.14 7.28 19.70
N ALA A 152 10.44 6.19 19.36
CA ALA A 152 10.22 5.77 17.96
C ALA A 152 8.94 4.92 17.87
N ILE A 153 8.22 5.03 16.76
CA ILE A 153 7.10 4.12 16.38
C ILE A 153 7.49 3.45 15.06
N VAL A 154 7.47 2.12 15.03
CA VAL A 154 7.62 1.38 13.76
C VAL A 154 6.25 0.79 13.44
N SER A 155 5.88 0.73 12.17
CA SER A 155 4.58 0.18 11.74
C SER A 155 4.65 -0.26 10.28
N GLU A 156 3.63 -0.99 9.87
CA GLU A 156 3.51 -1.52 8.49
C GLU A 156 2.01 -1.45 8.16
N TRP A 157 1.53 -0.24 7.91
CA TRP A 157 0.09 0.06 7.74
C TRP A 157 -0.29 0.03 6.26
N MET A 158 0.68 0.18 5.35
CA MET A 158 0.44 0.49 3.92
C MET A 158 -0.35 -0.60 3.21
N GLY A 159 -1.32 -0.20 2.40
CA GLY A 159 -1.96 -1.07 1.39
C GLY A 159 -3.23 -0.42 0.88
N TYR A 160 -4.04 -1.18 0.17
CA TYR A 160 -5.28 -0.66 -0.47
C TYR A 160 -6.49 -1.23 0.29
N GLY A 161 -7.33 -0.37 0.82
CA GLY A 161 -8.61 -0.83 1.43
C GLY A 161 -8.79 -0.33 2.85
N LEU A 162 -9.94 -0.65 3.43
CA LEU A 162 -10.38 -0.14 4.73
C LEU A 162 -9.47 -0.64 5.83
N LEU A 163 -8.94 -1.87 5.73
CA LEU A 163 -8.04 -2.42 6.77
C LEU A 163 -6.83 -1.47 6.93
N HIS A 164 -6.32 -0.96 5.81
CA HIS A 164 -5.08 -0.14 5.78
C HIS A 164 -5.42 1.28 6.18
N GLU A 165 -6.56 1.81 5.74
CA GLU A 165 -7.06 3.10 6.27
C GLU A 165 -7.10 3.07 7.80
N SER A 166 -7.70 2.04 8.40
CA SER A 166 -7.83 1.94 9.88
C SER A 166 -6.44 1.78 10.50
N MET A 167 -5.56 1.00 9.86
CA MET A 167 -4.18 0.82 10.36
C MET A 167 -3.49 2.18 10.43
N LEU A 168 -3.58 3.00 9.37
CA LEU A 168 -2.96 4.36 9.39
C LEU A 168 -3.58 5.17 10.53
N SER A 169 -4.91 5.17 10.69
CA SER A 169 -5.55 5.89 11.83
C SER A 169 -4.98 5.40 13.16
N SER A 170 -4.73 4.08 13.32
CA SER A 170 -4.20 3.51 14.60
C SER A 170 -2.77 4.01 14.83
N VAL A 171 -1.96 4.10 13.77
CA VAL A 171 -0.56 4.56 13.92
C VAL A 171 -0.56 6.02 14.36
N LEU A 172 -1.42 6.84 13.75
CA LEU A 172 -1.46 8.30 14.03
C LEU A 172 -2.02 8.54 15.44
N HIS A 173 -2.97 7.71 15.89
CA HIS A 173 -3.51 7.73 17.27
C HIS A 173 -2.36 7.46 18.24
N ALA A 174 -1.54 6.43 17.97
CA ALA A 174 -0.38 6.07 18.81
C ALA A 174 0.67 7.19 18.79
N ARG A 175 0.91 7.81 17.65
CA ARG A 175 1.87 8.94 17.56
C ARG A 175 1.43 10.08 18.48
N THR A 176 0.16 10.48 18.40
CA THR A 176 -0.40 11.59 19.20
C THR A 176 -0.28 11.22 20.69
N LYS A 177 -0.60 9.99 21.05
CA LYS A 177 -0.71 9.55 22.47
C LYS A 177 0.67 9.23 23.04
N TRP A 178 1.56 8.56 22.31
CA TRP A 178 2.72 7.87 22.92
C TRP A 178 4.07 8.40 22.44
N LEU A 179 4.15 9.05 21.27
CA LEU A 179 5.48 9.44 20.72
C LEU A 179 5.95 10.70 21.42
N LYS A 180 7.19 10.69 21.91
CA LYS A 180 7.86 11.89 22.49
C LYS A 180 7.96 12.97 21.41
N GLU A 181 7.88 14.24 21.84
CA GLU A 181 8.21 15.42 21.00
C GLU A 181 9.49 15.15 20.21
N GLY A 182 9.47 15.29 18.89
CA GLY A 182 10.63 15.04 18.01
C GLY A 182 10.99 13.57 17.88
N GLY A 183 10.13 12.64 18.31
CA GLY A 183 10.35 11.19 18.12
C GLY A 183 10.36 10.79 16.66
N LEU A 184 10.86 9.58 16.38
CA LEU A 184 11.15 9.02 15.04
C LEU A 184 9.95 8.17 14.59
N LEU A 185 9.48 8.31 13.34
CA LEU A 185 8.47 7.38 12.76
C LEU A 185 9.14 6.58 11.64
N LEU A 186 9.00 5.25 11.65
CA LEU A 186 9.55 4.36 10.59
C LEU A 186 8.42 3.55 9.98
N PRO A 187 8.03 3.76 8.71
CA PRO A 187 8.63 4.79 7.84
C PRO A 187 8.16 6.21 8.19
N ALA A 188 8.87 7.24 7.70
CA ALA A 188 8.68 8.65 8.09
C ALA A 188 7.69 9.36 7.15
N SER A 189 7.61 8.93 5.89
CA SER A 189 6.76 9.60 4.90
C SER A 189 6.27 8.60 3.86
N ALA A 190 5.19 8.97 3.18
CA ALA A 190 4.57 8.16 2.10
C ALA A 190 4.24 9.05 0.90
N GLU A 191 4.36 8.49 -0.30
CA GLU A 191 4.05 9.22 -1.53
C GLU A 191 3.16 8.32 -2.39
N LEU A 192 2.25 8.93 -3.15
CA LEU A 192 1.41 8.19 -4.12
C LEU A 192 1.70 8.70 -5.52
N PHE A 193 1.69 7.77 -6.48
CA PHE A 193 1.94 8.00 -7.92
C PHE A 193 0.78 7.45 -8.73
N ILE A 194 0.51 8.09 -9.87
CA ILE A 194 -0.49 7.63 -10.86
C ILE A 194 0.15 7.68 -12.25
N VAL A 195 -0.19 6.73 -13.10
CA VAL A 195 0.20 6.74 -14.54
C VAL A 195 -0.85 6.01 -15.37
N PRO A 196 -1.08 6.48 -16.61
CA PRO A 196 -1.84 5.70 -17.58
C PRO A 196 -1.13 4.36 -17.92
N ILE A 197 -1.91 3.28 -18.06
CA ILE A 197 -1.39 1.91 -18.26
C ILE A 197 -2.13 1.22 -19.41
N SER A 198 -1.42 0.29 -20.04
CA SER A 198 -1.96 -0.74 -20.95
C SER A 198 -1.67 -2.10 -20.32
N ASP A 199 -2.69 -2.76 -19.76
CA ASP A 199 -2.59 -4.05 -19.02
C ASP A 199 -2.51 -5.20 -20.04
N GLN A 200 -1.31 -5.74 -20.24
CA GLN A 200 -1.06 -6.83 -21.23
C GLN A 200 -1.92 -8.06 -20.88
N MET A 201 -2.10 -8.37 -19.61
CA MET A 201 -2.91 -9.52 -19.11
C MET A 201 -4.40 -9.33 -19.48
N LEU A 202 -4.93 -8.13 -19.23
CA LEU A 202 -6.33 -7.78 -19.59
C LEU A 202 -6.49 -7.88 -21.11
N GLU A 203 -5.54 -7.37 -21.90
CA GLU A 203 -5.65 -7.40 -23.37
C GLU A 203 -5.78 -8.86 -23.84
N TRP A 204 -4.93 -9.77 -23.35
CA TRP A 204 -5.02 -11.22 -23.69
C TRP A 204 -6.44 -11.72 -23.37
N ARG A 205 -6.94 -11.47 -22.16
CA ARG A 205 -8.27 -11.96 -21.71
C ARG A 205 -9.40 -11.41 -22.59
N LEU A 206 -9.32 -10.15 -23.02
CA LEU A 206 -10.40 -9.51 -23.83
C LEU A 206 -10.36 -10.10 -25.25
N GLY A 207 -9.17 -10.43 -25.74
CA GLY A 207 -8.95 -10.96 -27.10
C GLY A 207 -9.18 -12.45 -27.17
N PHE A 208 -9.37 -13.12 -26.03
CA PHE A 208 -9.49 -14.59 -25.92
C PHE A 208 -10.69 -15.11 -26.74
N TRP A 209 -11.81 -14.41 -26.72
CA TRP A 209 -13.08 -14.85 -27.34
C TRP A 209 -12.97 -14.90 -28.86
N SER A 210 -12.19 -13.99 -29.46
CA SER A 210 -11.88 -13.95 -30.91
C SER A 210 -11.01 -15.14 -31.31
N GLN A 211 -10.42 -15.91 -30.38
CA GLN A 211 -9.54 -17.05 -30.76
C GLN A 211 -10.30 -18.39 -30.82
N VAL A 212 -11.52 -18.48 -30.33
CA VAL A 212 -12.24 -19.79 -30.16
C VAL A 212 -12.50 -20.44 -31.54
N LYS A 213 -12.83 -19.65 -32.57
CA LYS A 213 -13.14 -20.13 -33.95
C LYS A 213 -11.96 -20.95 -34.49
N GLN A 214 -10.75 -20.42 -34.45
CA GLN A 214 -9.52 -21.12 -34.88
C GLN A 214 -9.35 -22.44 -34.12
N HIS A 215 -9.48 -22.43 -32.79
CA HIS A 215 -9.12 -23.58 -31.91
C HIS A 215 -10.15 -24.72 -31.99
N TYR A 216 -11.44 -24.40 -31.90
CA TYR A 216 -12.53 -25.39 -31.69
C TYR A 216 -13.44 -25.43 -32.90
N GLY A 217 -13.61 -24.31 -33.60
CA GLY A 217 -14.44 -24.21 -34.82
C GLY A 217 -15.81 -23.67 -34.50
N VAL A 218 -15.93 -22.83 -33.47
CA VAL A 218 -17.16 -22.08 -33.07
C VAL A 218 -16.76 -20.61 -32.87
N ASP A 219 -17.59 -19.69 -33.31
CA ASP A 219 -17.27 -18.24 -33.31
C ASP A 219 -17.88 -17.60 -32.07
N MET A 220 -17.03 -17.14 -31.16
CA MET A 220 -17.48 -16.54 -29.89
C MET A 220 -16.95 -15.10 -29.79
N SER A 221 -16.61 -14.47 -30.92
CA SER A 221 -16.03 -13.10 -30.94
C SER A 221 -17.07 -12.10 -30.43
N CYS A 222 -18.37 -12.38 -30.61
CA CYS A 222 -19.52 -11.55 -30.13
C CYS A 222 -19.50 -11.36 -28.60
N LEU A 223 -18.64 -12.06 -27.84
CA LEU A 223 -18.60 -11.96 -26.35
C LEU A 223 -17.48 -11.02 -25.87
N GLU A 224 -16.73 -10.38 -26.77
CA GLU A 224 -15.70 -9.37 -26.41
C GLU A 224 -16.37 -8.22 -25.63
N GLY A 225 -17.48 -7.70 -26.14
CA GLY A 225 -18.25 -6.65 -25.47
C GLY A 225 -18.64 -7.04 -24.06
N PHE A 226 -19.15 -8.27 -23.89
CA PHE A 226 -19.57 -8.81 -22.57
C PHE A 226 -18.35 -8.80 -21.63
N ALA A 227 -17.24 -9.38 -22.10
CA ALA A 227 -15.97 -9.51 -21.35
C ALA A 227 -15.49 -8.11 -20.94
N THR A 228 -15.58 -7.15 -21.86
CA THR A 228 -15.13 -5.75 -21.61
C THR A 228 -15.98 -5.15 -20.49
N ARG A 229 -17.31 -5.21 -20.63
CA ARG A 229 -18.21 -4.66 -19.59
C ARG A 229 -17.90 -5.35 -18.25
N CYS A 230 -17.65 -6.67 -18.23
CA CYS A 230 -17.44 -7.41 -16.97
C CYS A 230 -16.10 -7.03 -16.33
N LEU A 231 -15.02 -6.93 -17.10
CA LEU A 231 -13.66 -6.77 -16.52
C LEU A 231 -13.30 -5.29 -16.35
N MET A 232 -13.96 -4.37 -17.05
CA MET A 232 -13.61 -2.91 -17.06
C MET A 232 -14.77 -2.03 -16.59
N GLY A 233 -16.03 -2.47 -16.76
CA GLY A 233 -17.22 -1.61 -16.58
C GLY A 233 -17.61 -1.43 -15.11
N HIS A 234 -16.97 -2.13 -14.21
CA HIS A 234 -17.29 -2.07 -12.76
C HIS A 234 -16.62 -0.82 -12.16
N SER A 235 -16.84 -0.57 -10.88
CA SER A 235 -16.36 0.61 -10.10
C SER A 235 -15.49 0.16 -8.94
N GLU A 236 -14.81 -0.97 -9.07
CA GLU A 236 -13.94 -1.51 -8.00
C GLU A 236 -12.48 -1.23 -8.40
N ILE A 237 -11.62 -1.08 -7.41
CA ILE A 237 -10.14 -1.06 -7.52
C ILE A 237 -9.68 -2.49 -7.70
N VAL A 238 -8.87 -2.76 -8.72
CA VAL A 238 -8.29 -4.11 -8.97
C VAL A 238 -6.82 -4.09 -8.55
N VAL A 239 -6.44 -4.93 -7.60
CA VAL A 239 -5.01 -5.03 -7.16
C VAL A 239 -4.35 -6.08 -8.04
N GLN A 240 -3.44 -5.67 -8.91
CA GLN A 240 -2.78 -6.56 -9.88
C GLN A 240 -1.36 -6.03 -10.13
N GLY A 241 -0.42 -6.94 -10.35
CA GLY A 241 1.00 -6.62 -10.58
C GLY A 241 1.25 -6.36 -12.05
N LEU A 242 1.83 -5.21 -12.37
CA LEU A 242 2.16 -4.83 -13.77
C LEU A 242 3.67 -4.90 -13.93
N SER A 243 4.13 -4.82 -15.16
CA SER A 243 5.57 -4.65 -15.49
C SER A 243 5.78 -3.28 -16.11
N GLY A 244 7.04 -2.86 -16.25
CA GLY A 244 7.43 -1.57 -16.82
C GLY A 244 6.79 -1.31 -18.16
N GLU A 245 6.63 -2.32 -19.02
CA GLU A 245 6.19 -2.10 -20.42
C GLU A 245 4.69 -1.81 -20.45
N ASP A 246 3.95 -2.06 -19.36
CA ASP A 246 2.52 -1.65 -19.26
C ASP A 246 2.37 -0.12 -19.05
N VAL A 247 3.43 0.59 -18.64
CA VAL A 247 3.37 2.03 -18.27
C VAL A 247 3.49 2.88 -19.54
N LEU A 248 2.52 3.76 -19.79
CA LEU A 248 2.35 4.49 -21.08
C LEU A 248 2.96 5.91 -21.08
N ALA A 249 3.38 6.42 -19.92
CA ALA A 249 3.86 7.81 -19.74
C ALA A 249 4.72 7.90 -18.47
N ARG A 250 5.27 9.07 -18.15
CA ARG A 250 6.03 9.28 -16.89
C ARG A 250 5.04 9.31 -15.73
N PRO A 251 5.26 8.49 -14.69
CA PRO A 251 4.43 8.54 -13.50
C PRO A 251 4.46 9.92 -12.84
N GLN A 252 3.33 10.35 -12.32
CA GLN A 252 3.18 11.66 -11.64
C GLN A 252 2.87 11.44 -10.16
N ARG A 253 3.56 12.16 -9.28
CA ARG A 253 3.26 12.14 -7.83
C ARG A 253 2.02 12.99 -7.59
N PHE A 254 1.02 12.47 -6.87
CA PHE A 254 -0.19 13.27 -6.59
C PHE A 254 -0.38 13.49 -5.08
N ALA A 255 0.34 12.79 -4.21
CA ALA A 255 0.24 13.01 -2.75
C ALA A 255 1.58 12.71 -2.06
N GLN A 256 1.81 13.40 -0.95
CA GLN A 256 3.00 13.20 -0.08
C GLN A 256 2.61 13.53 1.35
N LEU A 257 2.73 12.55 2.24
CA LEU A 257 2.38 12.65 3.70
C LEU A 257 3.67 12.54 4.50
N GLU A 258 3.93 13.57 5.30
CA GLU A 258 4.92 13.55 6.39
C GLU A 258 4.19 13.04 7.63
N LEU A 259 4.48 11.81 8.05
CA LEU A 259 3.62 11.07 9.01
C LEU A 259 3.77 11.64 10.42
N SER A 260 4.77 12.48 10.67
CA SER A 260 5.05 13.11 12.00
C SER A 260 4.21 14.37 12.18
N ARG A 261 3.63 14.94 11.12
CA ARG A 261 2.89 16.24 11.17
C ARG A 261 1.76 16.20 12.20
N ALA A 262 1.73 17.24 13.06
CA ALA A 262 0.80 17.43 14.18
C ALA A 262 -0.65 17.30 13.72
N GLY A 263 -1.01 17.94 12.61
CA GLY A 263 -2.41 18.04 12.16
C GLY A 263 -2.90 16.88 11.31
N LEU A 264 -2.05 15.88 10.99
CA LEU A 264 -2.31 14.94 9.86
C LEU A 264 -3.68 14.25 10.01
N GLU A 265 -4.06 13.81 11.22
CA GLU A 265 -5.34 13.11 11.50
C GLU A 265 -6.50 14.00 11.00
N GLN A 266 -6.54 15.28 11.41
CA GLN A 266 -7.60 16.23 11.00
C GLN A 266 -7.50 16.49 9.49
N GLU A 267 -6.28 16.55 8.93
CA GLU A 267 -6.04 16.83 7.49
C GLU A 267 -6.56 15.68 6.62
N LEU A 268 -6.31 14.43 7.03
CA LEU A 268 -6.76 13.23 6.28
C LEU A 268 -8.28 13.27 6.11
N GLU A 269 -9.01 13.87 7.05
CA GLU A 269 -10.49 13.99 7.00
C GLU A 269 -10.94 14.55 5.64
N ALA A 270 -10.24 15.54 5.07
CA ALA A 270 -10.59 16.19 3.78
C ALA A 270 -10.06 15.38 2.59
N GLY A 271 -9.21 14.39 2.82
CA GLY A 271 -8.76 13.47 1.77
C GLY A 271 -7.40 13.86 1.22
N VAL A 272 -6.93 13.06 0.29
CA VAL A 272 -5.56 13.10 -0.25
C VAL A 272 -5.72 13.19 -1.77
N GLY A 273 -5.08 14.11 -2.48
CA GLY A 273 -5.20 14.04 -3.94
C GLY A 273 -4.58 15.21 -4.64
N GLY A 274 -4.64 15.16 -5.97
CA GLY A 274 -4.00 16.19 -6.81
C GLY A 274 -4.34 16.01 -8.26
N ARG A 275 -3.89 16.98 -9.04
CA ARG A 275 -3.94 17.03 -10.50
C ARG A 275 -2.71 16.31 -11.06
N PHE A 276 -2.81 15.84 -12.27
CA PHE A 276 -1.67 15.22 -12.97
C PHE A 276 -1.82 15.50 -14.44
N ARG A 277 -0.69 15.47 -15.11
CA ARG A 277 -0.60 15.68 -16.56
C ARG A 277 0.59 14.86 -17.05
N CYS A 278 0.40 14.16 -18.15
CA CYS A 278 1.54 13.46 -18.79
C CYS A 278 1.24 13.26 -20.26
N SER A 279 2.23 12.68 -20.93
CA SER A 279 2.33 12.62 -22.40
C SER A 279 2.73 11.18 -22.74
N CYS A 280 1.92 10.49 -23.54
CA CYS A 280 2.10 9.03 -23.81
C CYS A 280 3.36 8.80 -24.65
N TYR A 281 4.00 7.65 -24.45
CA TYR A 281 5.24 7.28 -25.17
C TYR A 281 4.99 6.82 -26.61
N GLY A 282 3.84 6.21 -26.92
CA GLY A 282 3.64 5.48 -28.19
C GLY A 282 2.22 4.97 -28.34
N SER A 283 1.96 4.23 -29.41
CA SER A 283 0.65 3.61 -29.74
C SER A 283 0.35 2.50 -28.75
N ALA A 284 -0.81 2.53 -28.11
CA ALA A 284 -1.24 1.48 -27.18
C ALA A 284 -2.74 1.60 -26.92
N PRO A 285 -3.37 0.48 -26.54
CA PRO A 285 -4.72 0.50 -25.98
C PRO A 285 -4.59 0.82 -24.49
N MET A 286 -4.97 2.03 -24.09
CA MET A 286 -4.95 2.47 -22.68
C MET A 286 -6.18 1.85 -21.98
N HIS A 287 -5.97 1.17 -20.85
CA HIS A 287 -7.04 0.47 -20.08
C HIS A 287 -7.45 1.28 -18.87
N GLY A 288 -6.64 2.27 -18.47
CA GLY A 288 -6.89 3.06 -17.26
C GLY A 288 -5.59 3.50 -16.61
N PHE A 289 -5.61 3.61 -15.29
CA PHE A 289 -4.50 4.18 -14.50
C PHE A 289 -4.04 3.12 -13.51
N ALA A 290 -2.75 3.13 -13.20
CA ALA A 290 -2.17 2.45 -12.04
C ALA A 290 -1.79 3.50 -10.99
N ILE A 291 -2.05 3.15 -9.73
CA ILE A 291 -1.59 3.92 -8.57
C ILE A 291 -0.69 3.02 -7.73
N TRP A 292 0.35 3.60 -7.16
CA TRP A 292 1.23 2.86 -6.22
C TRP A 292 1.85 3.85 -5.24
N PHE A 293 2.51 3.31 -4.23
CA PHE A 293 3.13 4.11 -3.15
C PHE A 293 4.64 3.81 -3.06
N GLN A 294 5.30 4.72 -2.40
CA GLN A 294 6.63 4.48 -1.82
C GLN A 294 6.60 5.08 -0.42
N VAL A 295 7.41 4.50 0.45
CA VAL A 295 7.61 5.07 1.80
C VAL A 295 9.12 5.24 2.01
N THR A 296 9.46 6.17 2.90
CA THR A 296 10.86 6.57 3.15
C THR A 296 11.23 6.30 4.61
N PHE A 297 12.41 5.70 4.82
CA PHE A 297 13.05 5.55 6.14
C PHE A 297 14.30 6.45 6.16
N PRO A 298 14.34 7.44 7.06
CA PRO A 298 15.51 8.34 7.16
C PRO A 298 16.80 7.56 7.43
N GLY A 299 17.94 8.04 6.91
CA GLY A 299 19.28 7.41 7.05
C GLY A 299 20.00 7.84 8.33
N GLY A 300 21.30 7.54 8.41
CA GLY A 300 22.17 7.81 9.57
C GLY A 300 22.20 9.29 9.96
N GLU A 303 22.97 10.53 6.11
CA GLU A 303 22.97 9.67 4.87
C GLU A 303 21.69 9.94 4.07
N LYS A 304 21.54 9.30 2.90
CA LYS A 304 20.33 9.39 2.04
C LYS A 304 19.25 8.46 2.61
N PRO A 305 17.96 8.85 2.59
CA PRO A 305 16.90 7.94 3.03
C PRO A 305 16.80 6.63 2.22
N LEU A 306 16.34 5.54 2.84
CA LEU A 306 16.01 4.29 2.12
C LEU A 306 14.55 4.44 1.64
N VAL A 307 14.31 4.13 0.37
CA VAL A 307 12.97 4.23 -0.26
C VAL A 307 12.50 2.79 -0.52
N LEU A 308 11.34 2.41 0.03
CA LEU A 308 10.63 1.16 -0.33
C LEU A 308 9.60 1.51 -1.39
N SER A 309 9.77 1.02 -2.63
CA SER A 309 8.91 1.42 -3.76
C SER A 309 8.10 0.21 -4.23
N THR A 310 6.86 0.45 -4.65
CA THR A 310 5.96 -0.59 -5.21
C THR A 310 5.68 -0.31 -6.70
N SER A 311 6.51 0.51 -7.35
CA SER A 311 6.39 0.86 -8.78
C SER A 311 6.51 -0.39 -9.64
N PRO A 312 5.81 -0.42 -10.78
CA PRO A 312 5.96 -1.49 -11.77
C PRO A 312 7.38 -1.64 -12.32
N PHE A 313 8.19 -0.59 -12.26
CA PHE A 313 9.57 -0.59 -12.78
C PHE A 313 10.50 -1.26 -11.77
N HIS A 314 10.06 -1.40 -10.51
N HIS A 314 10.07 -1.42 -10.52
CA HIS A 314 10.85 -1.93 -9.37
CA HIS A 314 10.91 -1.94 -9.42
C HIS A 314 10.57 -3.42 -9.22
C HIS A 314 10.54 -3.39 -9.16
N PRO A 315 11.40 -4.17 -8.46
CA PRO A 315 11.10 -5.58 -8.18
C PRO A 315 9.68 -5.72 -7.61
N ALA A 316 9.02 -6.80 -8.00
CA ALA A 316 7.63 -7.11 -7.60
C ALA A 316 7.57 -7.21 -6.07
N THR A 317 6.47 -6.74 -5.49
CA THR A 317 6.15 -6.86 -4.06
C THR A 317 4.77 -7.52 -3.92
N HIS A 318 4.42 -7.90 -2.70
CA HIS A 318 3.10 -8.47 -2.37
C HIS A 318 2.00 -7.39 -2.50
N TRP A 319 2.35 -6.11 -2.49
CA TRP A 319 1.39 -4.98 -2.65
C TRP A 319 0.92 -4.82 -4.11
N LYS A 320 1.69 -5.29 -5.08
CA LYS A 320 1.42 -5.10 -6.51
C LYS A 320 1.14 -3.60 -6.73
N GLN A 321 0.11 -3.29 -7.53
CA GLN A 321 -0.37 -1.90 -7.76
C GLN A 321 -1.92 -1.88 -7.77
N ALA A 322 -2.50 -0.71 -7.59
CA ALA A 322 -3.96 -0.51 -7.60
C ALA A 322 -4.38 -0.02 -8.99
N LEU A 323 -5.22 -0.78 -9.69
CA LEU A 323 -5.62 -0.42 -11.07
C LEU A 323 -7.05 0.18 -11.09
N LEU A 324 -7.18 1.32 -11.74
N LEU A 324 -7.18 1.35 -11.69
CA LEU A 324 -8.46 2.02 -12.02
CA LEU A 324 -8.45 2.03 -12.04
C LEU A 324 -8.75 1.88 -13.51
C LEU A 324 -8.71 1.85 -13.52
N TYR A 325 -9.61 0.94 -13.88
CA TYR A 325 -9.95 0.67 -15.30
C TYR A 325 -10.99 1.69 -15.77
N LEU A 326 -10.78 2.20 -16.97
CA LEU A 326 -11.81 2.93 -17.76
C LEU A 326 -12.91 1.94 -18.11
N ASN A 327 -14.09 2.42 -18.50
CA ASN A 327 -15.23 1.56 -18.90
C ASN A 327 -14.84 0.76 -20.15
N GLU A 328 -13.95 1.27 -21.00
CA GLU A 328 -13.46 0.50 -22.16
C GLU A 328 -12.12 1.06 -22.60
N PRO A 329 -11.36 0.31 -23.42
CA PRO A 329 -10.05 0.77 -23.88
C PRO A 329 -10.15 2.04 -24.74
N VAL A 330 -9.14 2.90 -24.68
CA VAL A 330 -8.98 4.11 -25.54
C VAL A 330 -7.60 4.05 -26.19
N GLN A 331 -7.55 4.20 -27.51
CA GLN A 331 -6.28 4.13 -28.28
C GLN A 331 -5.52 5.42 -28.01
N VAL A 332 -4.27 5.33 -27.58
CA VAL A 332 -3.40 6.54 -27.45
C VAL A 332 -2.26 6.42 -28.48
N GLU A 333 -1.56 7.52 -28.68
CA GLU A 333 -0.43 7.62 -29.64
C GLU A 333 0.70 8.38 -28.96
N GLN A 334 1.87 8.40 -29.58
CA GLN A 334 3.00 9.22 -29.06
C GLN A 334 2.49 10.64 -28.89
N ASP A 335 2.70 11.21 -27.71
CA ASP A 335 2.43 12.62 -27.32
C ASP A 335 0.94 12.84 -27.01
N THR A 336 0.11 11.79 -26.93
CA THR A 336 -1.29 11.96 -26.44
C THR A 336 -1.21 12.51 -25.01
N ASP A 337 -1.81 13.67 -24.76
CA ASP A 337 -1.91 14.28 -23.42
C ASP A 337 -2.93 13.47 -22.59
N VAL A 338 -2.53 13.03 -21.41
CA VAL A 338 -3.47 12.43 -20.43
C VAL A 338 -3.37 13.27 -19.17
N SER A 339 -4.49 13.85 -18.76
CA SER A 339 -4.55 14.71 -17.57
C SER A 339 -5.78 14.35 -16.72
N GLY A 340 -5.77 14.81 -15.50
CA GLY A 340 -6.95 14.66 -14.64
C GLY A 340 -6.65 15.06 -13.22
N GLU A 341 -7.56 14.65 -12.35
CA GLU A 341 -7.48 14.89 -10.90
C GLU A 341 -7.92 13.58 -10.24
N ILE A 342 -7.18 13.16 -9.22
CA ILE A 342 -7.49 11.95 -8.41
C ILE A 342 -7.62 12.43 -6.97
N THR A 343 -8.69 12.03 -6.30
CA THR A 343 -8.94 12.34 -4.87
C THR A 343 -9.29 11.05 -4.14
N LEU A 344 -8.62 10.79 -3.02
CA LEU A 344 -8.98 9.68 -2.11
C LEU A 344 -9.69 10.30 -0.92
N LEU A 345 -10.94 9.91 -0.68
CA LEU A 345 -11.71 10.46 0.46
C LEU A 345 -11.87 9.35 1.49
N PRO A 346 -11.60 9.66 2.77
CA PRO A 346 -11.68 8.66 3.83
C PRO A 346 -13.12 8.14 4.00
N SER A 347 -13.26 6.95 4.57
CA SER A 347 -14.57 6.41 5.05
C SER A 347 -14.99 7.25 6.26
N ARG A 348 -16.30 7.38 6.52
CA ARG A 348 -16.81 8.23 7.63
C ARG A 348 -17.93 7.47 8.35
N ASP A 349 -19.06 7.25 7.67
CA ASP A 349 -20.28 6.58 8.21
C ASP A 349 -20.30 5.11 7.79
N ASN A 350 -20.87 4.21 8.63
CA ASN A 350 -21.23 2.82 8.26
C ASN A 350 -22.32 2.88 7.18
N PRO A 351 -22.33 2.02 6.13
CA PRO A 351 -21.27 1.06 5.84
C PRO A 351 -20.04 1.76 5.21
N ARG A 352 -18.85 1.56 5.78
CA ARG A 352 -17.62 2.29 5.40
C ARG A 352 -17.34 2.09 3.90
N ARG A 353 -17.01 3.18 3.21
CA ARG A 353 -16.51 3.16 1.82
C ARG A 353 -15.36 4.17 1.74
N LEU A 354 -14.19 3.71 1.33
CA LEU A 354 -13.12 4.65 0.90
C LEU A 354 -13.36 5.00 -0.58
N ARG A 355 -13.62 6.27 -0.87
CA ARG A 355 -13.98 6.74 -2.24
C ARG A 355 -12.71 7.13 -2.99
N VAL A 356 -12.63 6.69 -4.25
CA VAL A 356 -11.57 7.10 -5.21
C VAL A 356 -12.23 7.83 -6.37
N LEU A 357 -12.08 9.15 -6.40
CA LEU A 357 -12.72 10.07 -7.36
C LEU A 357 -11.72 10.40 -8.45
N LEU A 358 -12.03 10.04 -9.68
CA LEU A 358 -11.16 10.30 -10.84
C LEU A 358 -11.94 11.09 -11.89
N ARG A 359 -11.37 12.20 -12.33
CA ARG A 359 -11.85 12.95 -13.51
C ARG A 359 -10.63 13.09 -14.42
N TYR A 360 -10.77 12.74 -15.69
CA TYR A 360 -9.61 12.58 -16.58
C TYR A 360 -10.02 12.92 -18.00
N LYS A 361 -9.01 13.18 -18.80
CA LYS A 361 -9.14 13.59 -20.21
C LYS A 361 -8.01 12.96 -20.99
N VAL A 362 -8.35 12.17 -22.00
CA VAL A 362 -7.38 11.49 -22.89
C VAL A 362 -7.43 12.19 -24.24
N GLY A 363 -6.34 12.86 -24.62
CA GLY A 363 -6.21 13.55 -25.92
C GLY A 363 -7.38 14.49 -26.16
N ASP A 364 -8.08 14.32 -27.27
CA ASP A 364 -9.18 15.25 -27.69
C ASP A 364 -10.55 14.72 -27.21
N GLN A 365 -10.61 13.56 -26.52
CA GLN A 365 -11.85 13.05 -25.89
C GLN A 365 -12.34 14.10 -24.87
N GLU A 366 -13.65 14.17 -24.63
CA GLU A 366 -14.20 15.04 -23.56
C GLU A 366 -13.70 14.53 -22.19
N GLU A 367 -13.58 15.41 -21.21
CA GLU A 367 -13.32 15.09 -19.79
C GLU A 367 -14.38 14.09 -19.34
N LYS A 368 -14.03 13.09 -18.52
CA LYS A 368 -14.96 12.04 -18.02
C LYS A 368 -14.70 11.83 -16.53
N THR A 369 -15.74 11.53 -15.77
CA THR A 369 -15.66 11.14 -14.36
C THR A 369 -15.81 9.63 -14.30
N LYS A 370 -14.95 8.95 -13.56
CA LYS A 370 -15.24 7.55 -13.13
C LYS A 370 -14.80 7.41 -11.69
N ASP A 371 -15.76 7.12 -10.84
CA ASP A 371 -15.53 7.07 -9.38
C ASP A 371 -15.50 5.60 -8.98
N PHE A 372 -14.65 5.28 -8.02
CA PHE A 372 -14.47 3.90 -7.51
C PHE A 372 -14.68 3.92 -6.01
N ALA A 373 -14.86 2.75 -5.42
CA ALA A 373 -15.00 2.61 -3.96
C ALA A 373 -14.42 1.28 -3.51
N MET A 374 -13.86 1.29 -2.30
CA MET A 374 -13.42 0.07 -1.61
C MET A 374 -14.30 -0.09 -0.36
N GLU A 375 -14.95 -1.24 -0.25
CA GLU A 375 -15.95 -1.56 0.81
C GLU A 375 -15.43 -2.68 1.72
N ASP A 376 -14.21 -3.17 1.47
CA ASP A 376 -13.38 -3.94 2.45
C ASP A 376 -11.92 -3.44 2.39
#